data_7F70
#
_entry.id   7F70
#
_cell.length_a   134.322
_cell.length_b   134.322
_cell.length_c   110.120
_cell.angle_alpha   90.000
_cell.angle_beta   90.000
_cell.angle_gamma   90.000
#
_symmetry.space_group_name_H-M   'I 41 2 2'
#
loop_
_entity.id
_entity.type
_entity.pdbx_description
1 polymer Rv3094c
2 water water
#
_entity_poly.entity_id   1
_entity_poly.type   'polypeptide(L)'
_entity_poly.pdbx_seq_one_letter_code
;VNQSETEIEILAEKIARWARARSAEIERDRRLPDELVTRLREAGLLRATMPREVAAPELAPGRALRCAEAVARGDASAGW
CVSIAITSALLVAYLPARSREEMFGGGRGVAAGVWAPRGTARSVDGGVVVSGRWPFCSGINHADIMFAGCFVDDRQVPSV
VALNKDELQVLDTWHTLGLRGTGSHDCVADDVFVPADRVFSVFDGPIVDRPLYRFPVFGFFALSIGAAALGNARAAIDDL
VELAGGKKGLGSTRTLAERSATQAAAATAESALGAARALFYEVIEAAWQVSHDAEAVPVTMRNRLRLAATHAVRTSADVV
RSMYDLAGGTAIYDNAPLQRRFRDAFTATAHFQVNEASRELPGRVLLDQPADVSML
;
_entity_poly.pdbx_strand_id   A
#
# COMPACT_ATOMS: atom_id res chain seq x y z
N THR A 6 -6.76 12.36 -21.03
CA THR A 6 -7.48 11.37 -20.23
C THR A 6 -7.33 11.64 -18.73
N GLU A 7 -6.09 11.62 -18.21
CA GLU A 7 -5.74 12.12 -16.88
C GLU A 7 -6.04 11.07 -15.81
N ILE A 8 -5.01 10.43 -15.27
CA ILE A 8 -5.23 9.23 -14.48
C ILE A 8 -5.89 9.55 -13.14
N GLU A 9 -5.67 10.75 -12.60
CA GLU A 9 -6.34 11.15 -11.36
C GLU A 9 -7.85 11.16 -11.54
N ILE A 10 -8.30 11.59 -12.71
CA ILE A 10 -9.73 11.64 -12.98
C ILE A 10 -10.30 10.23 -13.11
N LEU A 11 -9.55 9.33 -13.74
CA LEU A 11 -9.98 7.94 -13.81
C LEU A 11 -10.04 7.32 -12.43
N ALA A 12 -9.02 7.57 -11.60
CA ALA A 12 -9.04 7.09 -10.21
C ALA A 12 -10.32 7.51 -9.48
N GLU A 13 -10.73 8.77 -9.65
CA GLU A 13 -11.94 9.22 -8.96
C GLU A 13 -13.18 8.52 -9.52
N LYS A 14 -13.20 8.24 -10.81
CA LYS A 14 -14.33 7.52 -11.39
C LYS A 14 -14.38 6.08 -10.89
N ILE A 15 -13.22 5.43 -10.86
CA ILE A 15 -13.15 4.06 -10.35
C ILE A 15 -13.52 4.00 -8.88
N ALA A 16 -13.22 5.06 -8.11
CA ALA A 16 -13.61 5.06 -6.71
C ALA A 16 -15.13 4.91 -6.58
N ARG A 17 -15.90 5.58 -7.43
CA ARG A 17 -17.36 5.47 -7.36
C ARG A 17 -17.83 4.07 -7.73
N TRP A 18 -17.16 3.42 -8.67
CA TRP A 18 -17.46 2.02 -8.96
C TRP A 18 -17.15 1.13 -7.74
N ALA A 19 -15.98 1.35 -7.12
CA ALA A 19 -15.63 0.57 -5.92
C ALA A 19 -16.66 0.79 -4.82
N ARG A 20 -17.10 2.03 -4.62
CA ARG A 20 -18.13 2.27 -3.61
C ARG A 20 -19.40 1.47 -3.91
N ALA A 21 -19.78 1.36 -5.19
CA ALA A 21 -21.05 0.69 -5.50
C ALA A 21 -20.96 -0.82 -5.35
N ARG A 22 -19.77 -1.39 -5.49
CA ARG A 22 -19.58 -2.81 -5.33
C ARG A 22 -19.06 -3.19 -3.93
N SER A 23 -19.13 -2.27 -2.96
CA SER A 23 -18.37 -2.50 -1.74
C SER A 23 -18.96 -3.65 -0.91
N ALA A 24 -20.28 -3.87 -0.99
CA ALA A 24 -20.87 -5.03 -0.31
C ALA A 24 -20.34 -6.33 -0.89
N GLU A 25 -20.29 -6.44 -2.22
CA GLU A 25 -19.78 -7.66 -2.84
C GLU A 25 -18.29 -7.82 -2.58
N ILE A 26 -17.55 -6.72 -2.57
CA ILE A 26 -16.11 -6.80 -2.33
C ILE A 26 -15.84 -7.45 -0.97
N GLU A 27 -16.61 -7.05 0.05
CA GLU A 27 -16.42 -7.61 1.37
C GLU A 27 -16.94 -9.05 1.44
N ARG A 28 -18.11 -9.29 0.85
CA ARG A 28 -18.71 -10.63 0.86
C ARG A 28 -17.77 -11.67 0.24
N ASP A 29 -17.21 -11.37 -0.94
CA ASP A 29 -16.38 -12.35 -1.64
C ASP A 29 -14.90 -12.30 -1.24
N ARG A 30 -14.48 -11.34 -0.41
CA ARG A 30 -13.07 -11.16 -0.03
C ARG A 30 -12.15 -10.98 -1.26
N ARG A 31 -12.61 -10.19 -2.23
CA ARG A 31 -11.86 -10.00 -3.48
C ARG A 31 -12.55 -8.94 -4.33
N LEU A 32 -11.78 -8.33 -5.27
CA LEU A 32 -12.39 -7.35 -6.15
C LEU A 32 -13.13 -8.06 -7.29
N PRO A 33 -14.32 -7.60 -7.68
CA PRO A 33 -15.00 -8.21 -8.83
C PRO A 33 -14.19 -8.01 -10.11
N ASP A 34 -14.34 -8.97 -11.03
CA ASP A 34 -13.54 -8.96 -12.26
C ASP A 34 -13.70 -7.64 -13.02
N GLU A 35 -14.92 -7.11 -13.08
CA GLU A 35 -15.17 -5.86 -13.78
C GLU A 35 -14.36 -4.72 -13.18
N LEU A 36 -14.17 -4.72 -11.85
CA LEU A 36 -13.40 -3.66 -11.21
C LEU A 36 -11.91 -3.84 -11.47
N VAL A 37 -11.42 -5.08 -11.42
CA VAL A 37 -10.02 -5.30 -11.79
C VAL A 37 -9.76 -4.79 -13.20
N THR A 38 -10.72 -5.01 -14.11
CA THR A 38 -10.55 -4.61 -15.50
C THR A 38 -10.48 -3.10 -15.63
N ARG A 39 -11.39 -2.38 -14.98
CA ARG A 39 -11.29 -0.94 -14.94
C ARG A 39 -9.93 -0.49 -14.41
N LEU A 40 -9.50 -1.07 -13.29
CA LEU A 40 -8.23 -0.65 -12.72
C LEU A 40 -7.10 -0.93 -13.71
N ARG A 41 -7.14 -2.08 -14.37
CA ARG A 41 -6.08 -2.44 -15.31
C ARG A 41 -6.09 -1.51 -16.51
N GLU A 42 -7.28 -1.19 -17.03
CA GLU A 42 -7.39 -0.35 -18.22
C GLU A 42 -6.90 1.06 -17.95
N ALA A 43 -7.17 1.60 -16.77
CA ALA A 43 -6.69 2.93 -16.42
C ALA A 43 -5.19 2.97 -16.12
N GLY A 44 -4.52 1.81 -16.09
CA GLY A 44 -3.11 1.81 -15.79
C GLY A 44 -2.76 1.87 -14.32
N LEU A 45 -3.76 1.79 -13.43
CA LEU A 45 -3.48 1.98 -12.01
C LEU A 45 -2.69 0.85 -11.40
N LEU A 46 -2.89 -0.39 -11.85
CA LEU A 46 -2.21 -1.52 -11.20
C LEU A 46 -0.76 -1.67 -11.64
N ARG A 47 -0.33 -0.94 -12.69
CA ARG A 47 1.04 -0.94 -13.17
C ARG A 47 1.60 0.48 -13.28
N ALA A 48 1.01 1.45 -12.58
CA ALA A 48 1.32 2.87 -12.82
C ALA A 48 2.79 3.20 -12.60
N THR A 49 3.45 2.54 -11.65
CA THR A 49 4.83 2.85 -11.32
C THR A 49 5.84 1.90 -11.95
N MET A 50 5.43 1.11 -12.96
CA MET A 50 6.43 0.31 -13.70
C MET A 50 7.14 1.19 -14.73
N PRO A 51 8.38 0.83 -15.11
CA PRO A 51 9.13 1.68 -16.05
C PRO A 51 8.53 1.66 -17.44
N ARG A 52 8.76 2.75 -18.18
CA ARG A 52 8.18 2.90 -19.53
C ARG A 52 8.58 1.77 -20.49
N GLU A 53 9.69 1.06 -20.23
CA GLU A 53 10.12 -0.01 -21.13
C GLU A 53 9.16 -1.18 -21.17
N VAL A 54 8.34 -1.39 -20.15
CA VAL A 54 7.35 -2.46 -20.17
C VAL A 54 5.96 -1.91 -20.45
N ALA A 55 5.87 -0.76 -21.10
CA ALA A 55 4.59 -0.16 -21.53
C ALA A 55 3.74 0.21 -20.31
N ALA A 56 4.26 1.16 -19.54
CA ALA A 56 3.64 1.55 -18.29
C ALA A 56 3.86 3.03 -18.09
N PRO A 57 3.03 3.71 -17.31
CA PRO A 57 3.12 5.17 -17.22
C PRO A 57 4.38 5.68 -16.53
N GLU A 58 5.04 4.87 -15.70
CA GLU A 58 6.14 5.35 -14.84
C GLU A 58 5.74 6.62 -14.11
N LEU A 59 4.54 6.57 -13.53
CA LEU A 59 3.90 7.74 -12.91
C LEU A 59 4.68 8.29 -11.72
N ALA A 60 4.78 9.63 -11.64
CA ALA A 60 5.43 10.28 -10.50
C ALA A 60 4.75 9.89 -9.18
N PRO A 61 5.53 9.78 -8.09
CA PRO A 61 4.99 9.12 -6.89
C PRO A 61 3.87 9.89 -6.20
N GLY A 62 3.92 11.22 -6.18
CA GLY A 62 2.82 11.97 -5.61
C GLY A 62 1.51 11.73 -6.33
N ARG A 63 1.57 11.63 -7.67
CA ARG A 63 0.37 11.36 -8.45
C ARG A 63 -0.14 9.95 -8.19
N ALA A 64 0.77 8.97 -8.13
CA ALA A 64 0.36 7.60 -7.87
C ALA A 64 -0.30 7.47 -6.50
N LEU A 65 0.31 8.05 -5.47
CA LEU A 65 -0.27 7.99 -4.13
C LEU A 65 -1.59 8.75 -4.05
N ARG A 66 -1.72 9.90 -4.72
CA ARG A 66 -3.03 10.56 -4.80
C ARG A 66 -4.08 9.65 -5.42
N CYS A 67 -3.69 8.83 -6.41
CA CYS A 67 -4.65 7.90 -7.00
C CYS A 67 -5.06 6.83 -6.01
N ALA A 68 -4.10 6.28 -5.25
CA ALA A 68 -4.45 5.28 -4.26
C ALA A 68 -5.44 5.87 -3.24
N GLU A 69 -5.17 7.08 -2.77
CA GLU A 69 -6.02 7.70 -1.77
C GLU A 69 -7.43 7.90 -2.31
N ALA A 70 -7.56 8.31 -3.58
CA ALA A 70 -8.89 8.57 -4.11
C ALA A 70 -9.70 7.28 -4.19
N VAL A 71 -9.05 6.17 -4.59
CA VAL A 71 -9.78 4.90 -4.67
C VAL A 71 -10.16 4.42 -3.27
N ALA A 72 -9.27 4.62 -2.29
CA ALA A 72 -9.57 4.22 -0.92
C ALA A 72 -10.76 4.97 -0.33
N ARG A 73 -10.97 6.21 -0.75
CA ARG A 73 -12.16 6.95 -0.31
C ARG A 73 -13.45 6.31 -0.81
N GLY A 74 -13.40 5.67 -1.98
CA GLY A 74 -14.54 4.91 -2.46
C GLY A 74 -14.72 3.59 -1.73
N ASP A 75 -13.63 2.82 -1.60
CA ASP A 75 -13.63 1.58 -0.81
C ASP A 75 -12.21 1.31 -0.35
N ALA A 76 -12.04 1.10 0.96
CA ALA A 76 -10.70 1.01 1.53
C ALA A 76 -9.93 -0.20 1.00
N SER A 77 -10.61 -1.34 0.83
CA SER A 77 -9.94 -2.51 0.27
C SER A 77 -9.46 -2.28 -1.15
N ALA A 78 -10.30 -1.66 -1.99
CA ALA A 78 -9.89 -1.37 -3.37
C ALA A 78 -8.68 -0.45 -3.39
N GLY A 79 -8.71 0.62 -2.59
CA GLY A 79 -7.58 1.54 -2.54
C GLY A 79 -6.30 0.86 -2.03
N TRP A 80 -6.45 -0.03 -1.06
CA TRP A 80 -5.30 -0.79 -0.54
C TRP A 80 -4.71 -1.66 -1.64
N CYS A 81 -5.56 -2.32 -2.41
CA CYS A 81 -5.04 -3.08 -3.55
C CYS A 81 -4.21 -2.20 -4.47
N VAL A 82 -4.66 -0.96 -4.71
CA VAL A 82 -3.87 -0.08 -5.57
C VAL A 82 -2.54 0.22 -4.89
N SER A 83 -2.58 0.50 -3.57
CA SER A 83 -1.36 0.83 -2.83
C SER A 83 -0.32 -0.27 -2.95
N ILE A 84 -0.73 -1.53 -2.74
CA ILE A 84 0.22 -2.64 -2.79
C ILE A 84 0.69 -2.90 -4.23
N ALA A 85 -0.19 -2.78 -5.21
CA ALA A 85 0.22 -3.00 -6.59
C ALA A 85 1.24 -1.95 -7.04
N ILE A 86 1.03 -0.67 -6.68
CA ILE A 86 1.98 0.35 -7.15
C ILE A 86 3.28 0.31 -6.36
N THR A 87 3.26 -0.20 -5.11
CA THR A 87 4.51 -0.43 -4.39
C THR A 87 5.27 -1.60 -4.99
N SER A 88 4.61 -2.75 -5.14
CA SER A 88 5.23 -3.92 -5.76
C SER A 88 5.79 -3.59 -7.15
N ALA A 89 5.09 -2.74 -7.90
CA ALA A 89 5.50 -2.46 -9.26
C ALA A 89 6.86 -1.78 -9.34
N LEU A 90 7.30 -1.12 -8.25
CA LEU A 90 8.63 -0.51 -8.26
C LEU A 90 9.72 -1.54 -8.47
N LEU A 91 9.53 -2.75 -7.96
CA LEU A 91 10.56 -3.79 -8.04
C LEU A 91 10.79 -4.28 -9.47
N VAL A 92 9.87 -4.03 -10.39
CA VAL A 92 10.13 -4.31 -11.80
C VAL A 92 11.38 -3.59 -12.28
N ALA A 93 11.76 -2.49 -11.62
CA ALA A 93 12.95 -1.73 -12.00
C ALA A 93 14.23 -2.34 -11.46
N TYR A 94 14.14 -3.44 -10.72
CA TYR A 94 15.30 -4.12 -10.15
C TYR A 94 15.61 -5.43 -10.87
N LEU A 95 14.83 -5.79 -11.90
CA LEU A 95 15.07 -6.99 -12.67
C LEU A 95 15.97 -6.69 -13.87
N PRO A 96 16.87 -7.62 -14.19
CA PRO A 96 17.60 -7.52 -15.46
C PRO A 96 16.63 -7.48 -16.63
N ALA A 97 17.07 -6.82 -17.71
CA ALA A 97 16.18 -6.53 -18.82
C ALA A 97 15.45 -7.77 -19.32
N ARG A 98 16.10 -8.93 -19.28
CA ARG A 98 15.53 -10.10 -19.94
C ARG A 98 14.42 -10.73 -19.12
N SER A 99 14.62 -10.92 -17.81
CA SER A 99 13.52 -11.41 -16.98
C SER A 99 12.43 -10.36 -16.85
N ARG A 100 12.80 -9.07 -16.88
CA ARG A 100 11.80 -8.01 -16.89
C ARG A 100 10.89 -8.14 -18.09
N GLU A 101 11.46 -8.32 -19.28
CA GLU A 101 10.67 -8.43 -20.49
C GLU A 101 9.84 -9.72 -20.51
N GLU A 102 10.39 -10.81 -19.97
CA GLU A 102 9.61 -12.05 -19.87
C GLU A 102 8.34 -11.85 -19.05
N MET A 103 8.49 -11.28 -17.84
CA MET A 103 7.36 -11.25 -16.93
C MET A 103 6.46 -10.03 -17.13
N PHE A 104 6.99 -8.89 -17.60
CA PHE A 104 6.17 -7.68 -17.67
C PHE A 104 6.14 -7.00 -19.03
N GLY A 105 6.77 -7.58 -20.06
CA GLY A 105 6.85 -6.90 -21.34
C GLY A 105 5.50 -6.70 -21.98
N GLY A 106 5.40 -5.63 -22.77
CA GLY A 106 4.20 -5.31 -23.52
C GLY A 106 2.90 -5.17 -22.74
N GLY A 107 2.93 -4.44 -21.61
CA GLY A 107 1.72 -4.20 -20.85
C GLY A 107 1.26 -5.36 -19.96
N ARG A 108 2.05 -6.43 -19.88
CA ARG A 108 1.69 -7.63 -19.13
C ARG A 108 2.18 -7.53 -17.69
N GLY A 109 1.52 -8.31 -16.82
CA GLY A 109 1.99 -8.53 -15.47
C GLY A 109 1.48 -7.52 -14.44
N VAL A 110 0.86 -8.02 -13.38
CA VAL A 110 0.51 -7.23 -12.20
C VAL A 110 1.20 -7.90 -11.02
N ALA A 111 1.85 -7.10 -10.18
CA ALA A 111 2.70 -7.64 -9.14
C ALA A 111 2.06 -7.52 -7.76
N ALA A 112 2.34 -8.51 -6.93
CA ALA A 112 2.13 -8.45 -5.51
C ALA A 112 3.49 -8.53 -4.84
N GLY A 113 3.53 -8.37 -3.53
CA GLY A 113 4.82 -8.42 -2.88
C GLY A 113 4.75 -8.51 -1.37
N VAL A 114 5.58 -9.35 -0.77
CA VAL A 114 5.74 -9.42 0.68
C VAL A 114 7.23 -9.36 0.95
N TRP A 115 7.66 -8.28 1.58
CA TRP A 115 9.07 -7.95 1.77
C TRP A 115 9.74 -8.76 2.86
N ALA A 116 8.99 -9.20 3.87
CA ALA A 116 9.57 -9.93 4.99
C ALA A 116 10.36 -11.12 4.49
N PRO A 117 11.60 -11.31 4.94
CA PRO A 117 12.45 -12.38 4.40
C PRO A 117 12.12 -13.74 5.01
N ARG A 118 10.94 -14.25 4.69
CA ARG A 118 10.47 -15.48 5.30
C ARG A 118 10.87 -16.74 4.54
N GLY A 119 11.46 -16.60 3.36
CA GLY A 119 11.88 -17.76 2.61
C GLY A 119 13.32 -18.16 2.92
N THR A 120 13.61 -19.43 2.64
CA THR A 120 14.96 -19.97 2.68
C THR A 120 15.31 -20.42 1.28
N ALA A 121 16.43 -19.94 0.75
CA ALA A 121 16.80 -20.18 -0.64
C ALA A 121 18.16 -20.89 -0.68
N ARG A 122 18.19 -22.07 -1.28
CA ARG A 122 19.43 -22.79 -1.55
C ARG A 122 19.92 -22.45 -2.95
N SER A 123 21.23 -22.21 -3.07
CA SER A 123 21.82 -21.91 -4.37
C SER A 123 22.11 -23.20 -5.13
N VAL A 124 21.90 -23.16 -6.44
CA VAL A 124 22.08 -24.32 -7.33
C VAL A 124 22.55 -23.82 -8.70
N ASP A 125 22.80 -24.73 -9.64
CA ASP A 125 23.14 -24.34 -11.02
C ASP A 125 22.04 -23.53 -11.68
N GLY A 126 22.38 -22.28 -11.98
CA GLY A 126 21.52 -21.42 -12.78
C GLY A 126 20.54 -20.59 -11.97
N GLY A 127 20.43 -20.82 -10.66
CA GLY A 127 19.45 -20.13 -9.85
C GLY A 127 19.47 -20.51 -8.39
N VAL A 128 18.29 -20.65 -7.79
CA VAL A 128 18.12 -21.05 -6.39
C VAL A 128 16.90 -21.93 -6.26
N VAL A 129 16.74 -22.51 -5.07
CA VAL A 129 15.55 -23.26 -4.70
C VAL A 129 15.03 -22.68 -3.40
N VAL A 130 13.79 -22.20 -3.42
CA VAL A 130 13.24 -21.38 -2.33
C VAL A 130 12.00 -22.06 -1.74
N SER A 131 11.94 -22.08 -0.41
CA SER A 131 10.74 -22.49 0.33
C SER A 131 10.43 -21.48 1.42
N GLY A 132 9.15 -21.35 1.72
CA GLY A 132 8.71 -20.50 2.80
C GLY A 132 7.23 -20.22 2.72
N ARG A 133 6.76 -19.49 3.73
CA ARG A 133 5.35 -19.13 3.85
C ARG A 133 5.26 -17.66 4.20
N TRP A 134 4.52 -16.89 3.42
CA TRP A 134 4.43 -15.45 3.58
C TRP A 134 2.98 -15.07 3.90
N PRO A 135 2.71 -14.46 5.05
CA PRO A 135 1.36 -13.97 5.30
C PRO A 135 1.11 -12.63 4.62
N PHE A 136 -0.18 -12.33 4.47
CA PHE A 136 -0.67 -10.97 4.19
C PHE A 136 -0.19 -10.51 2.80
N CYS A 137 -0.47 -11.39 1.81
CA CYS A 137 -0.18 -11.19 0.38
C CYS A 137 -1.38 -10.52 -0.30
N SER A 138 -1.54 -9.22 -0.03
CA SER A 138 -2.61 -8.42 -0.60
C SER A 138 -2.57 -8.45 -2.12
N GLY A 139 -3.75 -8.67 -2.74
CA GLY A 139 -3.85 -8.65 -4.18
C GLY A 139 -3.41 -9.93 -4.88
N ILE A 140 -3.03 -10.98 -4.14
CA ILE A 140 -2.66 -12.24 -4.79
C ILE A 140 -3.80 -12.79 -5.68
N ASN A 141 -5.05 -12.41 -5.43
CA ASN A 141 -6.14 -12.91 -6.26
C ASN A 141 -6.05 -12.43 -7.70
N HIS A 142 -5.53 -11.22 -7.93
CA HIS A 142 -5.44 -10.70 -9.30
C HIS A 142 -4.02 -10.40 -9.74
N ALA A 143 -3.00 -10.85 -9.02
CA ALA A 143 -1.65 -10.62 -9.49
C ALA A 143 -1.10 -11.87 -10.18
N ASP A 144 -0.11 -11.66 -11.05
CA ASP A 144 0.58 -12.72 -11.75
C ASP A 144 1.87 -13.10 -11.05
N ILE A 145 2.53 -12.10 -10.48
CA ILE A 145 3.89 -12.20 -9.98
C ILE A 145 3.86 -11.76 -8.53
N MET A 146 4.57 -12.49 -7.69
CA MET A 146 4.78 -12.12 -6.30
C MET A 146 6.26 -11.97 -6.01
N PHE A 147 6.68 -10.76 -5.68
CA PHE A 147 8.01 -10.54 -5.14
C PHE A 147 8.02 -10.94 -3.67
N ALA A 148 8.93 -11.83 -3.30
CA ALA A 148 8.95 -12.32 -1.93
C ALA A 148 10.37 -12.28 -1.38
N GLY A 149 10.49 -11.89 -0.11
CA GLY A 149 11.77 -11.80 0.53
C GLY A 149 12.24 -13.14 1.10
N CYS A 150 13.55 -13.34 1.08
CA CYS A 150 14.16 -14.57 1.56
C CYS A 150 15.64 -14.33 1.82
N PHE A 151 16.24 -15.27 2.54
CA PHE A 151 17.70 -15.33 2.72
C PHE A 151 18.25 -16.39 1.77
N VAL A 152 19.32 -16.04 1.06
CA VAL A 152 19.99 -16.94 0.13
C VAL A 152 21.20 -17.54 0.85
N ASP A 153 21.24 -18.87 0.92
CA ASP A 153 22.33 -19.58 1.58
C ASP A 153 22.56 -19.04 2.98
N ASP A 154 23.76 -18.54 3.28
CA ASP A 154 24.07 -18.06 4.60
C ASP A 154 24.16 -16.54 4.68
N ARG A 155 23.80 -15.83 3.60
CA ARG A 155 23.90 -14.37 3.61
C ARG A 155 23.06 -13.78 4.73
N GLN A 156 23.55 -12.67 5.28
CA GLN A 156 22.83 -11.97 6.33
C GLN A 156 22.11 -10.74 5.82
N VAL A 157 22.31 -10.37 4.56
CA VAL A 157 21.51 -9.34 3.90
C VAL A 157 20.44 -10.07 3.07
N PRO A 158 19.16 -9.86 3.34
CA PRO A 158 18.13 -10.67 2.67
C PRO A 158 17.99 -10.29 1.21
N SER A 159 17.28 -11.14 0.47
CA SER A 159 17.11 -11.01 -0.97
C SER A 159 15.62 -11.03 -1.32
N VAL A 160 15.32 -10.85 -2.61
CA VAL A 160 13.97 -10.91 -3.14
C VAL A 160 13.96 -11.83 -4.36
N VAL A 161 12.97 -12.71 -4.43
CA VAL A 161 12.77 -13.59 -5.57
C VAL A 161 11.45 -13.24 -6.23
N ALA A 162 11.43 -13.27 -7.57
CA ALA A 162 10.24 -12.98 -8.36
C ALA A 162 9.56 -14.29 -8.74
N LEU A 163 8.55 -14.68 -7.99
CA LEU A 163 7.82 -15.92 -8.18
C LEU A 163 6.59 -15.70 -9.05
N ASN A 164 6.22 -16.72 -9.83
CA ASN A 164 4.92 -16.75 -10.49
C ASN A 164 3.87 -17.32 -9.54
N LYS A 165 2.68 -16.71 -9.53
CA LYS A 165 1.62 -17.25 -8.68
C LYS A 165 1.38 -18.72 -8.97
N ASP A 166 1.60 -19.13 -10.22
CA ASP A 166 1.52 -20.51 -10.66
C ASP A 166 2.22 -21.47 -9.72
N GLU A 167 3.49 -21.20 -9.41
CA GLU A 167 4.23 -22.17 -8.60
C GLU A 167 3.91 -22.08 -7.10
N LEU A 168 2.94 -21.29 -6.67
CA LEU A 168 2.69 -21.12 -5.24
C LEU A 168 1.39 -21.80 -4.82
N GLN A 169 1.30 -22.07 -3.52
CA GLN A 169 0.08 -22.55 -2.90
C GLN A 169 -0.55 -21.37 -2.13
N VAL A 170 -1.75 -20.97 -2.54
CA VAL A 170 -2.47 -19.91 -1.87
C VAL A 170 -3.42 -20.55 -0.86
N LEU A 171 -3.13 -20.38 0.43
CA LEU A 171 -3.99 -20.90 1.50
C LEU A 171 -5.08 -19.89 1.84
N ASP A 172 -6.26 -20.39 2.22
CA ASP A 172 -7.40 -19.52 2.56
C ASP A 172 -7.34 -19.11 4.04
N THR A 173 -6.56 -18.07 4.32
CA THR A 173 -6.35 -17.63 5.70
C THR A 173 -6.85 -16.22 6.01
N TRP A 174 -7.29 -15.46 5.00
CA TRP A 174 -7.66 -14.05 5.21
C TRP A 174 -9.10 -13.97 5.69
N HIS A 175 -9.28 -14.20 7.00
CA HIS A 175 -10.55 -14.02 7.70
C HIS A 175 -10.30 -12.98 8.79
N THR A 176 -10.66 -11.74 8.52
CA THR A 176 -10.13 -10.62 9.28
C THR A 176 -11.23 -9.65 9.68
N LEU A 177 -10.88 -8.78 10.62
CA LEU A 177 -11.78 -7.71 11.04
C LEU A 177 -12.21 -6.85 9.87
N GLY A 178 -11.24 -6.42 9.05
CA GLY A 178 -11.53 -5.50 7.95
C GLY A 178 -10.56 -5.67 6.79
N LEU A 179 -10.61 -4.77 5.80
CA LEU A 179 -9.81 -4.92 4.58
C LEU A 179 -10.03 -6.28 3.96
N ARG A 180 -11.28 -6.76 4.07
CA ARG A 180 -11.60 -8.10 3.61
C ARG A 180 -11.35 -8.26 2.11
N GLY A 181 -11.73 -7.26 1.31
CA GLY A 181 -11.56 -7.33 -0.13
C GLY A 181 -10.12 -7.45 -0.57
N THR A 182 -9.16 -7.15 0.30
CA THR A 182 -7.76 -7.26 -0.12
C THR A 182 -7.30 -8.70 -0.35
N GLY A 183 -8.06 -9.70 0.11
CA GLY A 183 -7.68 -11.10 0.01
C GLY A 183 -6.23 -11.39 0.33
N SER A 184 -5.75 -10.93 1.48
CA SER A 184 -4.32 -10.98 1.78
C SER A 184 -3.96 -12.32 2.43
N HIS A 185 -4.13 -13.38 1.64
CA HIS A 185 -3.97 -14.74 2.14
C HIS A 185 -2.50 -15.06 2.32
N ASP A 186 -2.22 -16.25 2.88
CA ASP A 186 -0.83 -16.68 2.98
C ASP A 186 -0.47 -17.44 1.71
N CYS A 187 0.80 -17.36 1.33
CA CYS A 187 1.31 -18.05 0.16
C CYS A 187 2.47 -18.94 0.56
N VAL A 188 2.51 -20.13 -0.02
CA VAL A 188 3.53 -21.14 0.32
C VAL A 188 4.31 -21.50 -0.93
N ALA A 189 5.62 -21.40 -0.85
CA ALA A 189 6.51 -21.96 -1.86
C ALA A 189 7.14 -23.24 -1.33
N ASP A 190 7.21 -24.26 -2.18
CA ASP A 190 7.69 -25.59 -1.81
C ASP A 190 8.73 -26.01 -2.86
N ASP A 191 10.01 -25.73 -2.59
CA ASP A 191 11.08 -26.21 -3.48
C ASP A 191 10.91 -25.69 -4.90
N VAL A 192 10.62 -24.40 -4.98
CA VAL A 192 10.45 -23.72 -6.25
C VAL A 192 11.83 -23.29 -6.74
N PHE A 193 12.11 -23.58 -8.00
CA PHE A 193 13.34 -23.16 -8.65
C PHE A 193 13.14 -21.75 -9.22
N VAL A 194 14.13 -20.89 -8.98
CA VAL A 194 14.09 -19.52 -9.46
C VAL A 194 15.37 -19.27 -10.26
N PRO A 195 15.30 -19.01 -11.56
CA PRO A 195 16.51 -18.64 -12.32
C PRO A 195 17.16 -17.39 -11.75
N ALA A 196 18.44 -17.19 -12.09
CA ALA A 196 19.22 -16.13 -11.47
C ALA A 196 18.72 -14.74 -11.90
N ASP A 197 18.46 -14.55 -13.19
CA ASP A 197 17.45 -13.64 -13.73
C ASP A 197 16.38 -13.09 -12.77
N ARG A 198 16.00 -13.82 -11.72
CA ARG A 198 14.86 -13.41 -10.92
C ARG A 198 15.18 -13.32 -9.43
N VAL A 199 16.45 -13.14 -9.08
CA VAL A 199 16.90 -12.98 -7.70
C VAL A 199 17.71 -11.70 -7.64
N PHE A 200 17.43 -10.85 -6.63
CA PHE A 200 18.19 -9.62 -6.48
C PHE A 200 18.16 -9.16 -5.03
N SER A 201 18.99 -8.19 -4.73
CA SER A 201 18.95 -7.48 -3.46
C SER A 201 18.42 -6.08 -3.71
N VAL A 202 17.40 -5.70 -2.93
CA VAL A 202 16.92 -4.32 -2.97
C VAL A 202 18.03 -3.36 -2.58
N PHE A 203 18.95 -3.80 -1.73
CA PHE A 203 20.02 -2.94 -1.24
C PHE A 203 21.08 -2.64 -2.28
N ASP A 204 21.04 -3.29 -3.46
CA ASP A 204 21.93 -2.96 -4.55
C ASP A 204 21.37 -1.90 -5.50
N GLY A 205 20.12 -1.50 -5.33
CA GLY A 205 19.55 -0.45 -6.14
C GLY A 205 18.89 -0.96 -7.40
N PRO A 206 18.19 -0.08 -8.12
CA PRO A 206 17.47 -0.50 -9.32
C PRO A 206 18.36 -0.57 -10.56
N ILE A 207 17.96 -1.44 -11.49
CA ILE A 207 18.57 -1.46 -12.82
C ILE A 207 18.21 -0.19 -13.58
N VAL A 208 16.93 0.16 -13.57
CA VAL A 208 16.47 1.42 -14.18
C VAL A 208 16.76 2.54 -13.19
N ASP A 209 17.71 3.41 -13.53
CA ASP A 209 18.24 4.40 -12.59
C ASP A 209 17.62 5.78 -12.80
N ARG A 210 16.30 5.88 -12.86
CA ARG A 210 15.63 7.14 -13.11
C ARG A 210 14.96 7.66 -11.83
N PRO A 211 14.48 8.91 -11.83
CA PRO A 211 14.05 9.52 -10.55
C PRO A 211 13.03 8.73 -9.76
N LEU A 212 12.00 8.18 -10.40
CA LEU A 212 11.00 7.40 -9.66
C LEU A 212 11.63 6.30 -8.84
N TYR A 213 12.71 5.70 -9.31
CA TYR A 213 13.36 4.62 -8.57
C TYR A 213 14.48 5.12 -7.67
N ARG A 214 14.82 6.41 -7.72
CA ARG A 214 15.62 7.01 -6.66
C ARG A 214 14.76 7.33 -5.44
N PHE A 215 13.48 7.64 -5.65
CA PHE A 215 12.57 7.89 -4.54
C PHE A 215 12.65 6.72 -3.54
N PRO A 216 12.81 6.99 -2.25
CA PRO A 216 13.06 5.90 -1.29
C PRO A 216 11.96 4.86 -1.35
N VAL A 217 12.38 3.60 -1.49
CA VAL A 217 11.43 2.54 -1.81
C VAL A 217 10.73 2.05 -0.53
N PHE A 218 11.42 2.06 0.60
CA PHE A 218 10.74 1.72 1.86
C PHE A 218 9.85 2.86 2.33
N GLY A 219 10.27 4.10 2.08
CA GLY A 219 9.39 5.24 2.28
C GLY A 219 8.11 5.15 1.48
N PHE A 220 8.23 4.77 0.20
CA PHE A 220 7.05 4.69 -0.66
C PHE A 220 6.08 3.61 -0.17
N PHE A 221 6.60 2.45 0.21
CA PHE A 221 5.77 1.40 0.79
C PHE A 221 4.95 1.94 1.95
N ALA A 222 5.61 2.55 2.95
CA ALA A 222 4.91 3.09 4.11
C ALA A 222 3.89 4.14 3.70
N LEU A 223 4.25 5.03 2.77
CA LEU A 223 3.33 6.07 2.33
C LEU A 223 2.10 5.51 1.65
N SER A 224 2.24 4.40 0.92
CA SER A 224 1.06 3.87 0.23
C SER A 224 0.03 3.34 1.21
N ILE A 225 0.46 2.82 2.36
CA ILE A 225 -0.52 2.47 3.40
C ILE A 225 -1.14 3.72 3.98
N GLY A 226 -0.35 4.77 4.18
CA GLY A 226 -0.90 6.03 4.66
C GLY A 226 -1.96 6.59 3.72
N ALA A 227 -1.75 6.41 2.41
CA ALA A 227 -2.71 6.92 1.43
C ALA A 227 -4.05 6.21 1.57
N ALA A 228 -4.03 4.89 1.72
CA ALA A 228 -5.29 4.17 1.86
C ALA A 228 -5.97 4.57 3.16
N ALA A 229 -5.20 4.68 4.24
CA ALA A 229 -5.76 5.11 5.52
C ALA A 229 -6.37 6.50 5.40
N LEU A 230 -5.69 7.43 4.75
CA LEU A 230 -6.21 8.80 4.64
C LEU A 230 -7.52 8.84 3.85
N GLY A 231 -7.56 8.12 2.73
CA GLY A 231 -8.77 8.08 1.92
C GLY A 231 -9.93 7.42 2.65
N ASN A 232 -9.64 6.39 3.44
CA ASN A 232 -10.68 5.78 4.28
C ASN A 232 -11.23 6.77 5.30
N ALA A 233 -10.35 7.57 5.93
CA ALA A 233 -10.79 8.50 6.97
C ALA A 233 -11.63 9.63 6.40
N ARG A 234 -11.27 10.14 5.20
CA ARG A 234 -12.07 11.20 4.59
C ARG A 234 -13.48 10.68 4.32
N ALA A 235 -13.59 9.43 3.88
CA ALA A 235 -14.91 8.83 3.66
C ALA A 235 -15.70 8.71 4.96
N ALA A 236 -15.01 8.52 6.09
CA ALA A 236 -15.71 8.40 7.35
C ALA A 236 -16.29 9.75 7.79
N ILE A 237 -15.51 10.83 7.62
CA ILE A 237 -16.06 12.15 7.88
C ILE A 237 -17.25 12.43 6.96
N ASP A 238 -17.12 12.09 5.66
CA ASP A 238 -18.26 12.20 4.74
C ASP A 238 -19.48 11.50 5.32
N ASP A 239 -19.29 10.26 5.81
CA ASP A 239 -20.41 9.49 6.35
C ASP A 239 -21.05 10.17 7.56
N LEU A 240 -20.23 10.70 8.47
CA LEU A 240 -20.79 11.29 9.68
C LEU A 240 -21.58 12.56 9.36
N VAL A 241 -21.01 13.43 8.52
CA VAL A 241 -21.67 14.68 8.18
C VAL A 241 -23.05 14.39 7.57
N GLU A 242 -23.12 13.40 6.67
CA GLU A 242 -24.40 13.06 6.06
C GLU A 242 -25.39 12.52 7.09
N LEU A 243 -24.92 11.75 8.06
CA LEU A 243 -25.82 11.23 9.09
C LEU A 243 -26.33 12.35 10.00
N ALA A 244 -25.44 13.25 10.40
CA ALA A 244 -25.73 14.14 11.51
C ALA A 244 -26.82 15.17 11.17
N GLY A 245 -26.98 15.51 9.89
CA GLY A 245 -27.97 16.50 9.51
C GLY A 245 -29.39 16.09 9.88
N GLY A 246 -29.71 14.80 9.71
CA GLY A 246 -31.08 14.36 9.91
C GLY A 246 -31.32 13.28 10.95
N LYS A 247 -30.43 13.16 11.94
CA LYS A 247 -30.60 12.19 13.01
C LYS A 247 -31.14 12.89 14.24
N LYS A 248 -32.36 12.54 14.63
CA LYS A 248 -32.90 12.94 15.95
C LYS A 248 -33.72 11.79 16.52
N THR A 255 -31.18 17.87 16.78
CA THR A 255 -30.59 16.74 16.05
C THR A 255 -29.17 16.49 16.51
N LEU A 256 -28.52 15.47 15.93
CA LEU A 256 -27.13 15.18 16.28
C LEU A 256 -26.23 16.36 15.90
N ALA A 257 -26.45 16.93 14.71
CA ALA A 257 -25.63 18.03 14.23
C ALA A 257 -25.84 19.31 15.05
N GLU A 258 -27.05 19.50 15.61
CA GLU A 258 -27.39 20.70 16.37
C GLU A 258 -26.85 20.72 17.76
N ARG A 259 -25.78 20.00 18.02
CA ARG A 259 -25.42 19.69 19.39
C ARG A 259 -23.93 19.89 19.63
N SER A 260 -23.59 20.55 20.74
CA SER A 260 -22.34 21.30 20.82
C SER A 260 -21.12 20.40 20.69
N ALA A 261 -21.18 19.23 21.31
CA ALA A 261 -20.08 18.28 21.24
C ALA A 261 -19.83 17.78 19.81
N THR A 262 -20.89 17.65 19.00
CA THR A 262 -20.74 17.08 17.67
C THR A 262 -19.87 17.96 16.78
N GLN A 263 -20.16 19.25 16.77
CA GLN A 263 -19.43 20.19 15.92
C GLN A 263 -18.01 20.45 16.38
N ALA A 264 -17.77 20.51 17.68
CA ALA A 264 -16.40 20.59 18.15
C ALA A 264 -15.61 19.36 17.72
N ALA A 265 -16.23 18.17 17.80
CA ALA A 265 -15.58 16.94 17.34
C ALA A 265 -15.41 16.92 15.83
N ALA A 266 -16.44 17.32 15.07
CA ALA A 266 -16.29 17.39 13.62
C ALA A 266 -15.18 18.36 13.23
N ALA A 267 -15.06 19.49 13.94
CA ALA A 267 -14.00 20.45 13.65
C ALA A 267 -12.63 19.90 14.02
N THR A 268 -12.54 19.20 15.15
CA THR A 268 -11.24 18.61 15.53
C THR A 268 -10.80 17.60 14.50
N ALA A 269 -11.72 16.74 14.04
CA ALA A 269 -11.37 15.67 13.10
C ALA A 269 -10.96 16.23 11.75
N GLU A 270 -11.72 17.20 11.25
CA GLU A 270 -11.41 17.81 9.95
C GLU A 270 -10.04 18.50 9.98
N SER A 271 -9.71 19.21 11.05
CA SER A 271 -8.40 19.84 11.03
C SER A 271 -7.28 18.84 11.26
N ALA A 272 -7.52 17.79 12.06
CA ALA A 272 -6.50 16.75 12.25
C ALA A 272 -6.21 16.02 10.94
N LEU A 273 -7.26 15.64 10.21
CA LEU A 273 -7.05 14.94 8.95
C LEU A 273 -6.43 15.85 7.91
N GLY A 274 -6.93 17.09 7.79
CA GLY A 274 -6.31 18.05 6.89
C GLY A 274 -4.83 18.24 7.18
N ALA A 275 -4.48 18.27 8.48
CA ALA A 275 -3.07 18.50 8.81
C ALA A 275 -2.22 17.29 8.46
N ALA A 276 -2.70 16.07 8.76
CA ALA A 276 -1.96 14.87 8.36
C ALA A 276 -1.83 14.77 6.84
N ARG A 277 -2.88 15.14 6.12
CA ARG A 277 -2.83 15.06 4.66
C ARG A 277 -1.84 16.06 4.09
N ALA A 278 -1.80 17.27 4.66
CA ALA A 278 -0.91 18.32 4.15
C ALA A 278 0.55 17.95 4.37
N LEU A 279 0.88 17.38 5.53
CA LEU A 279 2.25 16.93 5.78
C LEU A 279 2.65 15.79 4.83
N PHE A 280 1.75 14.80 4.66
CA PHE A 280 1.94 13.68 3.74
C PHE A 280 2.43 14.17 2.37
N TYR A 281 1.68 15.06 1.72
CA TYR A 281 2.04 15.47 0.36
C TYR A 281 3.20 16.46 0.34
N GLU A 282 3.38 17.23 1.42
CA GLU A 282 4.55 18.11 1.52
C GLU A 282 5.85 17.31 1.53
N VAL A 283 5.91 16.21 2.28
CA VAL A 283 7.17 15.48 2.32
C VAL A 283 7.36 14.66 1.04
N ILE A 284 6.29 14.14 0.43
CA ILE A 284 6.45 13.45 -0.85
C ILE A 284 7.04 14.40 -1.90
N GLU A 285 6.54 15.65 -1.96
CA GLU A 285 7.04 16.59 -2.94
C GLU A 285 8.48 16.97 -2.67
N ALA A 286 8.87 17.09 -1.40
CA ALA A 286 10.25 17.46 -1.12
C ALA A 286 11.20 16.32 -1.48
N ALA A 287 10.80 15.06 -1.21
CA ALA A 287 11.68 13.94 -1.57
C ALA A 287 11.71 13.71 -3.08
N TRP A 288 10.62 14.02 -3.77
CA TRP A 288 10.57 13.88 -5.22
C TRP A 288 11.58 14.82 -5.88
N GLN A 289 11.69 16.04 -5.37
CA GLN A 289 12.64 17.01 -5.92
C GLN A 289 14.07 16.47 -5.84
N VAL A 290 14.49 16.01 -4.66
CA VAL A 290 15.88 15.57 -4.52
C VAL A 290 16.11 14.22 -5.19
N SER A 291 15.05 13.47 -5.51
CA SER A 291 15.22 12.24 -6.26
C SER A 291 15.73 12.48 -7.67
N HIS A 292 15.72 13.73 -8.12
CA HIS A 292 16.31 14.14 -9.40
C HIS A 292 17.79 14.48 -9.29
N ASP A 293 18.38 14.43 -8.09
CA ASP A 293 19.77 14.86 -7.93
C ASP A 293 20.70 13.65 -8.02
N ALA A 294 22.01 13.93 -8.14
CA ALA A 294 23.01 12.88 -8.35
C ALA A 294 23.08 11.91 -7.17
N GLU A 295 23.35 12.41 -5.97
CA GLU A 295 23.46 11.60 -4.76
C GLU A 295 22.14 10.94 -4.36
N ALA A 296 22.25 9.83 -3.61
CA ALA A 296 21.09 9.14 -3.07
C ALA A 296 20.29 10.08 -2.16
N VAL A 297 18.99 9.85 -2.10
CA VAL A 297 18.13 10.68 -1.25
C VAL A 297 18.61 10.55 0.19
N PRO A 298 18.86 11.66 0.89
CA PRO A 298 19.52 11.58 2.19
C PRO A 298 18.66 10.89 3.25
N VAL A 299 19.33 10.49 4.33
CA VAL A 299 18.63 9.89 5.46
C VAL A 299 17.64 10.88 6.06
N THR A 300 18.01 12.16 6.11
CA THR A 300 17.11 13.17 6.65
C THR A 300 15.76 13.16 5.92
N MET A 301 15.81 13.14 4.59
CA MET A 301 14.56 13.09 3.81
C MET A 301 13.82 11.77 4.01
N ARG A 302 14.56 10.65 4.07
CA ARG A 302 13.89 9.38 4.26
C ARG A 302 13.24 9.31 5.63
N ASN A 303 13.83 9.98 6.60
CA ASN A 303 13.26 10.05 7.94
C ASN A 303 11.90 10.74 7.93
N ARG A 304 11.76 11.82 7.18
CA ARG A 304 10.51 12.59 7.15
C ARG A 304 9.38 11.81 6.49
N LEU A 305 9.71 10.94 5.51
CA LEU A 305 8.67 10.16 4.85
C LEU A 305 8.04 9.15 5.80
N ARG A 306 8.85 8.52 6.63
CA ARG A 306 8.35 7.54 7.59
C ARG A 306 7.58 8.21 8.73
N LEU A 307 8.05 9.36 9.20
CA LEU A 307 7.31 10.10 10.20
C LEU A 307 5.91 10.40 9.70
N ALA A 308 5.82 10.90 8.44
CA ALA A 308 4.54 11.32 7.90
C ALA A 308 3.62 10.15 7.62
N ALA A 309 4.17 9.01 7.20
CA ALA A 309 3.35 7.82 6.93
C ALA A 309 2.69 7.28 8.18
N THR A 310 3.49 7.12 9.25
CA THR A 310 2.96 6.64 10.52
C THR A 310 1.94 7.62 11.09
N HIS A 311 2.27 8.93 11.07
CA HIS A 311 1.34 9.94 11.55
C HIS A 311 0.02 9.88 10.82
N ALA A 312 0.07 9.64 9.50
CA ALA A 312 -1.16 9.62 8.70
C ALA A 312 -2.04 8.42 9.05
N VAL A 313 -1.43 7.24 9.25
CA VAL A 313 -2.22 6.07 9.57
C VAL A 313 -2.82 6.21 10.97
N ARG A 314 -2.03 6.68 11.93
CA ARG A 314 -2.53 6.73 13.31
C ARG A 314 -3.57 7.82 13.47
N THR A 315 -3.37 8.97 12.82
CA THR A 315 -4.36 10.03 12.87
C THR A 315 -5.65 9.61 12.18
N SER A 316 -5.54 8.90 11.06
CA SER A 316 -6.74 8.40 10.38
C SER A 316 -7.56 7.50 11.29
N ALA A 317 -6.90 6.63 12.04
CA ALA A 317 -7.61 5.75 12.97
C ALA A 317 -8.33 6.57 14.06
N ASP A 318 -7.61 7.53 14.65
CA ASP A 318 -8.24 8.43 15.62
C ASP A 318 -9.46 9.13 15.03
N VAL A 319 -9.36 9.57 13.77
CA VAL A 319 -10.47 10.29 13.14
C VAL A 319 -11.66 9.36 12.95
N VAL A 320 -11.42 8.17 12.38
CA VAL A 320 -12.50 7.23 12.12
C VAL A 320 -13.16 6.79 13.44
N ARG A 321 -12.35 6.55 14.47
CA ARG A 321 -12.92 6.19 15.77
C ARG A 321 -13.86 7.28 16.28
N SER A 322 -13.47 8.55 16.13
CA SER A 322 -14.30 9.65 16.62
C SER A 322 -15.62 9.71 15.84
N MET A 323 -15.57 9.60 14.51
CA MET A 323 -16.80 9.60 13.73
C MET A 323 -17.71 8.43 14.10
N TYR A 324 -17.14 7.23 14.17
CA TYR A 324 -17.86 6.05 14.62
C TYR A 324 -18.55 6.31 15.95
N ASP A 325 -17.82 6.93 16.89
CA ASP A 325 -18.36 7.16 18.24
C ASP A 325 -19.52 8.15 18.21
N LEU A 326 -19.40 9.20 17.37
CA LEU A 326 -20.47 10.18 17.23
C LEU A 326 -21.73 9.56 16.65
N ALA A 327 -21.58 8.62 15.72
CA ALA A 327 -22.76 7.99 15.13
C ALA A 327 -23.50 7.09 16.13
N GLY A 328 -22.86 6.72 17.24
CA GLY A 328 -23.58 6.04 18.33
C GLY A 328 -24.28 4.77 17.87
N GLY A 329 -25.57 4.69 18.17
CA GLY A 329 -26.31 3.46 17.95
C GLY A 329 -26.45 3.07 16.50
N THR A 330 -26.35 4.02 15.58
CA THR A 330 -26.45 3.69 14.16
C THR A 330 -25.28 2.80 13.71
N ALA A 331 -24.06 3.10 14.15
CA ALA A 331 -22.91 2.50 13.48
C ALA A 331 -22.59 1.10 13.95
N ILE A 332 -23.24 0.59 15.00
CA ILE A 332 -22.95 -0.79 15.41
C ILE A 332 -23.55 -1.80 14.44
N TYR A 333 -24.55 -1.40 13.64
CA TYR A 333 -25.22 -2.33 12.75
C TYR A 333 -24.44 -2.54 11.46
N ASP A 334 -24.46 -3.78 10.96
CA ASP A 334 -23.73 -4.16 9.76
C ASP A 334 -24.11 -3.32 8.54
N ASN A 335 -25.32 -2.75 8.49
CA ASN A 335 -25.72 -1.98 7.33
C ASN A 335 -25.25 -0.53 7.37
N ALA A 336 -24.50 -0.13 8.44
CA ALA A 336 -24.06 1.27 8.53
C ALA A 336 -22.69 1.44 7.85
N PRO A 337 -22.54 2.44 6.97
CA PRO A 337 -21.24 2.63 6.32
C PRO A 337 -20.09 2.90 7.28
N LEU A 338 -20.34 3.59 8.39
CA LEU A 338 -19.23 3.89 9.30
C LEU A 338 -18.63 2.63 9.90
N GLN A 339 -19.41 1.54 10.01
CA GLN A 339 -18.88 0.35 10.65
C GLN A 339 -17.75 -0.26 9.84
N ARG A 340 -17.91 -0.33 8.51
CA ARG A 340 -16.84 -0.90 7.70
C ARG A 340 -15.61 0.03 7.70
N ARG A 341 -15.81 1.36 7.67
CA ARG A 341 -14.66 2.25 7.80
C ARG A 341 -13.92 2.01 9.11
N PHE A 342 -14.67 1.74 10.18
CA PHE A 342 -14.05 1.50 11.48
C PHE A 342 -13.22 0.23 11.43
N ARG A 343 -13.83 -0.86 10.95
CA ARG A 343 -13.13 -2.13 10.81
C ARG A 343 -11.91 -2.02 9.89
N ASP A 344 -12.04 -1.30 8.78
CA ASP A 344 -10.91 -1.17 7.86
C ASP A 344 -9.78 -0.35 8.49
N ALA A 345 -10.13 0.74 9.18
CA ALA A 345 -9.10 1.59 9.77
C ALA A 345 -8.29 0.86 10.83
N PHE A 346 -8.92 -0.04 11.60
CA PHE A 346 -8.20 -0.73 12.67
C PHE A 346 -7.62 -2.08 12.23
N THR A 347 -7.69 -2.41 10.93
CA THR A 347 -6.86 -3.43 10.31
C THR A 347 -5.59 -2.78 9.75
N ALA A 348 -5.72 -1.57 9.19
CA ALA A 348 -4.56 -0.89 8.62
C ALA A 348 -3.53 -0.54 9.68
N THR A 349 -3.97 -0.19 10.89
CA THR A 349 -3.02 0.21 11.93
C THR A 349 -2.10 -0.91 12.36
N ALA A 350 -2.45 -2.17 12.08
CA ALA A 350 -1.60 -3.30 12.46
C ALA A 350 -0.38 -3.50 11.57
N HIS A 351 -0.36 -2.93 10.35
CA HIS A 351 0.75 -3.14 9.43
C HIS A 351 2.08 -2.65 10.02
N PHE A 352 3.13 -3.49 9.86
CA PHE A 352 4.42 -3.24 10.50
C PHE A 352 5.14 -1.99 9.99
N GLN A 353 4.82 -1.51 8.78
CA GLN A 353 5.51 -0.34 8.25
C GLN A 353 5.08 0.95 8.96
N VAL A 354 3.94 0.94 9.67
CA VAL A 354 3.32 2.19 10.11
C VAL A 354 2.71 2.08 11.52
N ASN A 355 3.12 1.08 12.29
CA ASN A 355 2.54 0.89 13.61
C ASN A 355 3.22 1.83 14.60
N GLU A 356 2.85 1.73 15.88
CA GLU A 356 3.47 2.62 16.87
C GLU A 356 4.95 2.35 17.01
N ALA A 357 5.38 1.09 16.82
CA ALA A 357 6.80 0.77 16.91
C ALA A 357 7.62 1.49 15.84
N SER A 358 7.02 1.79 14.68
CA SER A 358 7.73 2.46 13.59
C SER A 358 8.02 3.93 13.89
N ARG A 359 7.69 4.43 15.08
CA ARG A 359 8.09 5.78 15.48
C ARG A 359 9.50 5.82 16.08
N GLU A 360 10.02 4.68 16.57
CA GLU A 360 11.25 4.69 17.36
C GLU A 360 12.48 4.98 16.51
N LEU A 361 12.67 4.22 15.42
CA LEU A 361 13.81 4.46 14.55
C LEU A 361 13.81 5.88 13.98
N PRO A 362 12.73 6.38 13.39
CA PRO A 362 12.74 7.79 12.95
C PRO A 362 12.95 8.78 14.09
N GLY A 363 12.65 8.39 15.33
CA GLY A 363 13.06 9.20 16.48
C GLY A 363 14.55 9.13 16.73
N ARG A 364 15.17 7.94 16.59
CA ARG A 364 16.63 7.87 16.62
C ARG A 364 17.30 8.93 15.79
N VAL A 365 16.92 8.96 14.51
CA VAL A 365 17.51 9.88 13.56
C VAL A 365 17.34 11.31 14.03
N LEU A 366 16.14 11.66 14.49
CA LEU A 366 15.89 13.03 14.94
C LEU A 366 16.86 13.43 16.05
N LEU A 367 17.08 12.54 17.02
CA LEU A 367 17.92 12.78 18.18
C LEU A 367 19.41 12.53 17.88
N ASP A 368 19.78 12.35 16.61
CA ASP A 368 21.17 12.12 16.19
C ASP A 368 21.83 11.01 16.99
N GLN A 369 21.13 9.87 17.10
CA GLN A 369 21.64 8.68 17.80
C GLN A 369 22.12 7.65 16.78
N PRO A 370 23.00 6.73 17.18
CA PRO A 370 23.43 5.68 16.24
C PRO A 370 22.25 4.84 15.83
N ALA A 371 22.13 4.60 14.52
CA ALA A 371 20.98 3.85 14.03
C ALA A 371 21.36 3.12 12.75
N ASP A 372 20.75 1.95 12.59
CA ASP A 372 20.76 1.21 11.33
C ASP A 372 19.62 1.74 10.47
N VAL A 373 19.95 2.53 9.45
CA VAL A 373 18.96 3.14 8.58
C VAL A 373 18.88 2.42 7.23
N SER A 374 19.27 1.15 7.17
CA SER A 374 19.28 0.43 5.90
C SER A 374 17.86 0.23 5.34
N MET A 375 16.88 0.03 6.21
CA MET A 375 15.49 -0.14 5.79
C MET A 375 14.62 1.08 6.06
N LEU A 376 15.21 2.23 6.37
CA LEU A 376 14.41 3.45 6.55
C LEU A 376 13.83 3.93 5.21
#